data_9PME
#
_entry.id   9PME
#
_cell.length_a   59.222
_cell.length_b   59.222
_cell.length_c   66.432
_cell.angle_alpha   90.000
_cell.angle_beta   90.000
_cell.angle_gamma   120.000
#
_symmetry.space_group_name_H-M   'P 31 2 1'
#
loop_
_entity.id
_entity.type
_entity.pdbx_description
1 polymer 'Endoribonuclease toxin MazF'
2 polymer 'peptide SER-HIS-LEU-PHE-TRP-ALA-GLN-PHE-ASP-GLU-TYR-PHE'
3 non-polymer 'SODIUM ION'
4 water water
#
loop_
_entity_poly.entity_id
_entity_poly.type
_entity_poly.pdbx_seq_one_letter_code
_entity_poly.pdbx_strand_id
1 'polypeptide(L)'
;MVSRYVPDMGDLIWVDFDPTKGSAQAGHRPAVVLSPFMYNNKTGMCLCVPCTTQSKGYPFEVVLSGQERDGVALADQVKS
IAWRARGATKKGTVAPEELQLIKAKINVLIG
;
A
2 'polypeptide(L)' (ACE)SHLFWAQFDEYF(NH2) B
#
# COMPACT_ATOMS: atom_id res chain seq x y z
N MET A 1 10.73 -28.96 3.37
CA MET A 1 10.90 -27.53 3.75
C MET A 1 9.51 -26.93 4.04
N VAL A 2 9.24 -26.55 5.30
CA VAL A 2 7.90 -26.11 5.69
C VAL A 2 7.74 -24.58 5.64
N SER A 3 8.81 -23.77 5.82
CA SER A 3 8.62 -22.33 5.85
C SER A 3 8.22 -21.78 4.51
N ARG A 4 7.36 -20.76 4.55
CA ARG A 4 6.89 -20.10 3.35
C ARG A 4 6.86 -18.62 3.63
N TYR A 5 7.01 -17.84 2.56
CA TYR A 5 6.91 -16.42 2.63
C TYR A 5 5.62 -15.97 3.32
N VAL A 6 5.77 -14.98 4.19
CA VAL A 6 4.64 -14.28 4.88
C VAL A 6 4.95 -12.80 4.62
N PRO A 7 4.00 -12.01 4.08
CA PRO A 7 4.27 -10.60 3.84
C PRO A 7 4.78 -9.87 5.06
N ASP A 8 5.61 -8.86 4.84
CA ASP A 8 6.01 -7.96 5.91
C ASP A 8 5.88 -6.53 5.41
N MET A 9 5.85 -5.61 6.35
CA MET A 9 5.59 -4.23 5.97
C MET A 9 6.65 -3.72 4.98
N GLY A 10 6.21 -3.00 3.96
CA GLY A 10 7.11 -2.48 2.94
C GLY A 10 7.21 -3.37 1.76
N ASP A 11 6.69 -4.60 1.83
CA ASP A 11 6.77 -5.52 0.70
C ASP A 11 5.83 -5.03 -0.39
N LEU A 12 6.31 -5.19 -1.63
CA LEU A 12 5.48 -4.94 -2.81
C LEU A 12 5.10 -6.35 -3.21
N ILE A 13 3.82 -6.66 -3.32
CA ILE A 13 3.38 -8.04 -3.63
C ILE A 13 2.47 -8.04 -4.85
N TRP A 14 2.47 -9.09 -5.65
CA TRP A 14 1.47 -9.27 -6.73
C TRP A 14 0.27 -9.91 -6.05
N VAL A 15 -0.91 -9.31 -6.12
CA VAL A 15 -2.10 -9.82 -5.39
C VAL A 15 -3.32 -9.64 -6.30
N ASP A 16 -4.32 -10.50 -6.16
CA ASP A 16 -5.48 -10.52 -7.07
C ASP A 16 -6.46 -9.38 -6.87
N PHE A 17 -6.30 -8.58 -5.83
CA PHE A 17 -7.19 -7.45 -5.56
C PHE A 17 -6.33 -6.25 -5.16
N ASP A 18 -6.93 -5.29 -4.46
CA ASP A 18 -6.20 -4.13 -4.00
C ASP A 18 -5.39 -4.41 -2.75
N ARG A 29 -2.84 -5.13 -9.76
CA ARG A 29 -2.22 -6.34 -9.29
C ARG A 29 -1.16 -6.01 -8.18
N PRO A 30 -0.37 -4.94 -8.29
CA PRO A 30 0.62 -4.67 -7.25
C PRO A 30 0.00 -4.01 -6.03
N ALA A 31 0.48 -4.40 -4.85
CA ALA A 31 0.07 -3.78 -3.61
C ALA A 31 1.23 -3.63 -2.65
N VAL A 32 1.19 -2.60 -1.78
CA VAL A 32 2.18 -2.34 -0.76
C VAL A 32 1.63 -2.84 0.58
N VAL A 33 2.39 -3.66 1.28
CA VAL A 33 1.93 -4.25 2.58
C VAL A 33 2.20 -3.22 3.69
N LEU A 34 1.24 -2.94 4.56
CA LEU A 34 1.42 -1.93 5.63
C LEU A 34 1.54 -2.61 7.01
N SER A 35 0.85 -3.74 7.18
CA SER A 35 0.81 -4.41 8.49
C SER A 35 2.08 -5.23 8.71
N PRO A 36 2.43 -5.53 9.97
CA PRO A 36 3.70 -6.23 10.23
C PRO A 36 3.57 -7.72 10.17
N PHE A 37 4.71 -8.36 9.97
CA PHE A 37 4.81 -9.83 9.94
C PHE A 37 4.12 -10.50 11.13
N MET A 38 4.31 -10.00 12.34
CA MET A 38 3.71 -10.65 13.52
C MET A 38 2.21 -10.76 13.37
N TYR A 39 1.56 -9.73 12.85
CA TYR A 39 0.14 -9.79 12.56
C TYR A 39 -0.15 -10.68 11.36
N ASN A 40 0.58 -10.49 10.26
CA ASN A 40 0.27 -11.23 9.03
C ASN A 40 0.42 -12.73 9.21
N ASN A 41 1.36 -13.15 10.05
CA ASN A 41 1.69 -14.57 10.24
C ASN A 41 0.62 -15.29 11.06
N LYS A 42 -0.09 -14.58 11.91
CA LYS A 42 -1.09 -15.21 12.81
C LYS A 42 -2.50 -15.16 12.23
N THR A 43 -2.87 -14.12 11.48
CA THR A 43 -4.26 -13.94 11.05
C THR A 43 -4.54 -14.40 9.64
N GLY A 44 -3.53 -14.64 8.79
CA GLY A 44 -3.83 -14.88 7.39
C GLY A 44 -4.23 -13.64 6.63
N MET A 45 -4.14 -12.46 7.26
CA MET A 45 -4.58 -11.22 6.63
C MET A 45 -3.42 -10.25 6.68
N CYS A 46 -3.48 -9.28 5.78
CA CYS A 46 -2.58 -8.12 5.93
C CYS A 46 -3.31 -6.92 5.37
N LEU A 47 -2.84 -5.74 5.74
CA LEU A 47 -3.33 -4.49 5.19
C LEU A 47 -2.48 -4.14 3.99
N CYS A 48 -3.10 -3.71 2.94
CA CYS A 48 -2.26 -3.31 1.81
CA CYS A 48 -2.42 -3.52 1.65
C CYS A 48 -2.99 -2.27 1.01
N VAL A 49 -2.18 -1.54 0.25
CA VAL A 49 -2.69 -0.46 -0.57
CA VAL A 49 -2.61 -0.41 -0.56
C VAL A 49 -2.36 -0.75 -2.03
N PRO A 50 -3.29 -0.52 -2.94
CA PRO A 50 -3.09 -0.87 -4.34
C PRO A 50 -2.25 0.18 -5.05
N CYS A 51 -1.56 -0.28 -6.10
CA CYS A 51 -0.83 0.61 -6.99
C CYS A 51 -1.48 0.68 -8.34
N THR A 52 -1.37 1.86 -8.95
CA THR A 52 -1.94 2.13 -10.26
CA THR A 52 -1.94 2.15 -10.25
C THR A 52 -0.87 2.79 -11.13
N THR A 53 -1.24 3.12 -12.37
CA THR A 53 -0.25 3.52 -13.35
CA THR A 53 -0.25 3.52 -13.35
C THR A 53 0.07 5.01 -13.31
N GLN A 54 -0.93 5.86 -13.21
CA GLN A 54 -0.80 7.27 -13.54
C GLN A 54 -0.65 8.12 -12.30
N SER A 55 0.38 8.98 -12.29
CA SER A 55 0.50 10.02 -11.28
C SER A 55 -0.33 11.23 -11.69
N LYS A 56 -1.20 11.71 -10.79
CA LYS A 56 -2.12 12.80 -11.04
C LYS A 56 -2.01 13.95 -10.07
N GLY A 57 -1.16 13.86 -9.08
CA GLY A 57 -1.20 14.85 -8.01
C GLY A 57 -2.37 14.64 -7.07
N TYR A 58 -2.99 13.51 -7.14
CA TYR A 58 -4.10 13.18 -6.24
C TYR A 58 -3.58 13.22 -4.82
N PRO A 59 -4.33 13.84 -3.89
CA PRO A 59 -3.80 14.00 -2.52
C PRO A 59 -3.39 12.72 -1.84
N PHE A 60 -4.01 11.60 -2.17
CA PHE A 60 -3.69 10.38 -1.48
C PHE A 60 -2.74 9.47 -2.23
N GLU A 61 -2.22 9.94 -3.36
CA GLU A 61 -1.27 9.10 -4.10
C GLU A 61 0.13 9.27 -3.53
N VAL A 62 0.94 8.20 -3.65
CA VAL A 62 2.36 8.26 -3.33
C VAL A 62 3.12 7.61 -4.49
N VAL A 63 3.98 8.41 -5.18
CA VAL A 63 4.72 7.85 -6.29
C VAL A 63 5.89 7.01 -5.75
N LEU A 64 6.00 5.81 -6.26
CA LEU A 64 7.03 4.90 -5.86
C LEU A 64 8.23 5.06 -6.79
N SER A 65 9.40 5.04 -6.22
CA SER A 65 10.63 4.98 -7.07
C SER A 65 10.68 3.71 -7.93
N GLY A 66 11.52 3.76 -8.96
CA GLY A 66 11.58 2.63 -9.88
C GLY A 66 10.78 2.89 -11.12
N GLN A 67 10.72 1.86 -11.99
CA GLN A 67 10.13 2.04 -13.32
C GLN A 67 8.93 1.14 -13.60
N GLU A 68 8.26 0.63 -12.57
CA GLU A 68 7.19 -0.31 -12.80
C GLU A 68 5.96 0.33 -13.40
N ARG A 69 5.18 -0.47 -14.11
CA ARG A 69 3.99 0.07 -14.79
C ARG A 69 3.00 0.67 -13.77
N ASP A 70 2.77 -0.07 -12.70
CA ASP A 70 1.80 0.31 -11.66
C ASP A 70 2.66 0.71 -10.48
N GLY A 71 3.19 1.94 -10.51
CA GLY A 71 4.09 2.37 -9.48
C GLY A 71 3.60 3.62 -8.72
N VAL A 72 2.27 3.84 -8.65
CA VAL A 72 1.68 4.94 -7.87
C VAL A 72 0.76 4.27 -6.84
N ALA A 73 1.09 4.41 -5.59
CA ALA A 73 0.25 3.79 -4.54
C ALA A 73 -0.91 4.73 -4.17
N LEU A 74 -2.12 4.17 -4.00
CA LEU A 74 -3.30 4.95 -3.67
C LEU A 74 -3.59 4.69 -2.19
N ALA A 75 -3.04 5.54 -1.34
CA ALA A 75 -3.05 5.25 0.11
C ALA A 75 -4.45 5.16 0.65
N ASP A 76 -5.38 5.89 0.10
CA ASP A 76 -6.77 5.88 0.59
C ASP A 76 -7.53 4.60 0.33
N GLN A 77 -7.04 3.73 -0.53
CA GLN A 77 -7.72 2.50 -0.88
C GLN A 77 -7.12 1.31 -0.16
N VAL A 78 -6.60 1.57 1.03
CA VAL A 78 -6.14 0.50 1.90
C VAL A 78 -7.23 -0.54 2.12
N LYS A 79 -6.81 -1.80 2.22
CA LYS A 79 -7.77 -2.90 2.42
C LYS A 79 -7.10 -4.05 3.09
N SER A 80 -7.81 -4.66 4.07
CA SER A 80 -7.46 -5.96 4.59
C SER A 80 -7.74 -7.01 3.54
N ILE A 81 -6.76 -7.88 3.30
CA ILE A 81 -6.88 -8.95 2.31
C ILE A 81 -6.41 -10.25 2.95
N ALA A 82 -6.96 -11.34 2.46
CA ALA A 82 -6.63 -12.69 2.91
C ALA A 82 -5.52 -13.11 1.99
N TRP A 83 -4.27 -12.88 2.42
CA TRP A 83 -3.16 -12.88 1.46
C TRP A 83 -2.86 -14.23 0.86
N ARG A 84 -3.08 -15.33 1.57
CA ARG A 84 -2.95 -16.64 0.92
C ARG A 84 -3.99 -16.85 -0.18
N ALA A 85 -5.25 -16.63 0.11
CA ALA A 85 -6.29 -16.82 -0.89
C ALA A 85 -6.14 -15.92 -2.08
N ARG A 86 -5.59 -14.74 -1.91
CA ARG A 86 -5.39 -13.85 -3.07
C ARG A 86 -4.05 -14.08 -3.78
N GLY A 87 -3.21 -15.03 -3.31
CA GLY A 87 -2.08 -15.45 -4.10
C GLY A 87 -0.87 -14.55 -3.98
N ALA A 88 -0.70 -13.92 -2.81
CA ALA A 88 0.35 -12.93 -2.61
C ALA A 88 1.74 -13.54 -2.94
N THR A 89 2.36 -12.98 -3.94
CA THR A 89 3.72 -13.33 -4.30
CA THR A 89 3.72 -13.33 -4.30
C THR A 89 4.55 -12.06 -4.22
N LYS A 90 5.74 -12.15 -3.64
CA LYS A 90 6.55 -10.97 -3.43
C LYS A 90 7.25 -10.61 -4.75
N LYS A 91 7.14 -9.35 -5.10
CA LYS A 91 7.75 -8.73 -6.27
C LYS A 91 8.96 -7.92 -5.86
N GLY A 92 9.02 -7.41 -4.64
CA GLY A 92 10.11 -6.59 -4.22
C GLY A 92 9.71 -5.79 -3.00
N THR A 93 10.21 -4.58 -2.90
CA THR A 93 9.94 -3.69 -1.77
CA THR A 93 9.96 -3.68 -1.77
C THR A 93 9.70 -2.26 -2.27
N VAL A 94 9.12 -1.42 -1.36
CA VAL A 94 9.13 0.03 -1.56
C VAL A 94 10.16 0.64 -0.60
N ALA A 95 10.58 1.87 -0.90
CA ALA A 95 11.54 2.54 -0.09
C ALA A 95 10.92 2.96 1.21
N PRO A 96 11.71 2.99 2.28
CA PRO A 96 11.13 3.35 3.61
C PRO A 96 10.39 4.67 3.62
N GLU A 97 10.90 5.64 2.89
CA GLU A 97 10.29 6.98 2.89
C GLU A 97 8.94 6.88 2.19
N GLU A 98 8.81 6.02 1.19
CA GLU A 98 7.52 5.85 0.53
C GLU A 98 6.52 5.20 1.46
N LEU A 99 6.98 4.16 2.14
CA LEU A 99 6.10 3.49 3.12
C LEU A 99 5.63 4.47 4.19
N GLN A 100 6.50 5.32 4.68
CA GLN A 100 6.11 6.26 5.75
C GLN A 100 5.12 7.31 5.21
N LEU A 101 5.24 7.75 3.95
CA LEU A 101 4.27 8.68 3.39
C LEU A 101 2.90 8.04 3.20
N ILE A 102 2.85 6.81 2.76
CA ILE A 102 1.59 6.08 2.68
C ILE A 102 0.89 6.02 4.05
N LYS A 103 1.65 5.62 5.08
CA LYS A 103 1.04 5.47 6.41
C LYS A 103 0.49 6.80 6.92
N ALA A 104 1.25 7.87 6.71
CA ALA A 104 0.82 9.19 7.16
C ALA A 104 -0.47 9.59 6.48
N LYS A 105 -0.58 9.33 5.18
CA LYS A 105 -1.79 9.67 4.46
C LYS A 105 -3.00 8.85 4.94
N ILE A 106 -2.82 7.54 5.15
CA ILE A 106 -3.91 6.76 5.77
C ILE A 106 -4.30 7.31 7.13
N ASN A 107 -3.33 7.71 7.94
CA ASN A 107 -3.68 8.23 9.26
C ASN A 107 -4.56 9.47 9.12
N VAL A 108 -4.29 10.32 8.10
CA VAL A 108 -5.13 11.48 7.94
C VAL A 108 -6.55 11.07 7.62
N LEU A 109 -6.71 10.10 6.72
CA LEU A 109 -8.05 9.61 6.37
C LEU A 109 -8.81 9.00 7.54
N ILE A 110 -8.10 8.29 8.41
CA ILE A 110 -8.74 7.63 9.59
C ILE A 110 -9.13 8.72 10.60
N GLY A 111 -8.31 9.75 10.75
CA GLY A 111 -8.64 10.80 11.71
CA GLY A 111 -8.73 10.86 11.67
C GLY A 111 -8.57 10.23 13.13
C GLY A 111 -8.83 10.40 13.11
N SER B 2 -3.36 17.80 9.51
CA SER B 2 -4.73 17.44 9.10
C SER B 2 -5.39 18.62 8.37
N HIS B 3 -5.38 19.79 8.98
CA HIS B 3 -6.04 20.96 8.41
CA HIS B 3 -6.03 20.97 8.41
C HIS B 3 -5.44 21.32 7.05
N LEU B 4 -4.10 21.33 6.95
CA LEU B 4 -3.48 21.58 5.65
C LEU B 4 -3.94 20.54 4.63
N PHE B 5 -3.89 19.26 5.02
CA PHE B 5 -4.22 18.19 4.09
C PHE B 5 -5.63 18.37 3.51
N TRP B 6 -6.61 18.67 4.36
CA TRP B 6 -7.98 18.69 3.85
C TRP B 6 -8.23 19.96 3.05
N ALA B 7 -7.53 21.04 3.38
CA ALA B 7 -7.54 22.22 2.52
C ALA B 7 -7.10 21.86 1.12
N GLN B 8 -5.97 21.15 1.04
CA GLN B 8 -5.45 20.74 -0.28
C GLN B 8 -6.39 19.80 -0.99
N PHE B 9 -7.04 18.89 -0.24
CA PHE B 9 -8.01 17.99 -0.84
C PHE B 9 -9.19 18.72 -1.45
N ASP B 10 -9.76 19.64 -0.70
CA ASP B 10 -10.84 20.48 -1.23
C ASP B 10 -10.39 21.25 -2.46
N GLU B 11 -9.18 21.76 -2.45
CA GLU B 11 -8.72 22.56 -3.57
C GLU B 11 -8.60 21.71 -4.80
N TYR B 12 -8.05 20.51 -4.65
CA TYR B 12 -7.90 19.59 -5.76
C TYR B 12 -9.22 19.37 -6.43
N PHE B 13 -10.29 19.14 -5.66
CA PHE B 13 -11.60 18.74 -6.23
C PHE B 13 -12.45 19.95 -6.56
#